data_6EAQ
#
_entry.id   6EAQ
#
_cell.length_a   123.629
_cell.length_b   49.388
_cell.length_c   139.415
_cell.angle_alpha   90.00
_cell.angle_beta   103.04
_cell.angle_gamma   90.00
#
_symmetry.space_group_name_H-M   'C 1 2 1'
#
loop_
_entity.id
_entity.type
_entity.pdbx_description
1 polymer 'Immunoglobulin gamma-1 heavy chain'
2 polymer 'Low affinity immunoglobulin gamma Fc region receptor III-B'
3 branched beta-D-galactopyranose-(1-4)-2-acetamido-2-deoxy-beta-D-glucopyranose-(1-2)-alpha-D-mannopyranose-(1-6)-[alpha-D-mannopyranose-(1-3)]beta-D-mannopyranose-(1-4)-2-acetamido-2-deoxy-beta-D-glucopyranose-(1-4)-2-acetamido-2-deoxy-beta-D-glucopyranose
4 branched beta-D-galactopyranose-(1-4)-2-acetamido-2-deoxy-beta-D-glucopyranose-(1-2)-alpha-D-mannopyranose-(1-6)-[2-acetamido-2-deoxy-beta-D-glucopyranose-(1-2)-alpha-D-mannopyranose-(1-3)]beta-D-mannopyranose-(1-4)-2-acetamido-2-deoxy-beta-D-glucopyranose-(1-4)-2-acetamido-2-deoxy-beta-D-glucopyranose
5 branched beta-D-mannopyranose-(1-4)-2-acetamido-2-deoxy-beta-D-glucopyranose-(1-4)-2-acetamido-2-deoxy-beta-D-glucopyranose
6 water water
#
loop_
_entity_poly.entity_id
_entity_poly.type
_entity_poly.pdbx_seq_one_letter_code
_entity_poly.pdbx_strand_id
1 'polypeptide(L)'
;TCPPCPAPELLGGPSVFLFPPKPKDTLMISRTPEVTCVVVDVSHEDPEVKFNWYVDGVEVHNAKTKPREEQYNSTYRVVS
VLTVLHQDWLNGKEYKCKVSNKALPAPIEKTISKAKGQPREPQVYTLPPSRDELTKNQVSLTCLVKGFYPSDIAVEWESN
GQPENNYKTTPPVLDSDGSFFLYSKLTVDKSRWQQGNVFSCSVMHEALHNHYTQKSLSLS
;
A,B
2 'polypeptide(L)'
;RTEDLPKAVVFLEPQWYSVLEKDSVTLKCQGAYSPEDQSTQWFHNESLISSQASSYFIDAATVQDSGEYRCQTQLSTLSD
PVQLEVHIGWLLLQAPRWVFKEEDPIHLRCHSWKNTALHKVTYLQNGKDRKYFHHNSDFHIPKATLKDSGSYFCRGLVGS
KNVSSETVQITITQG
;
C
#
# COMPACT_ATOMS: atom_id res chain seq x y z
N LEU A 11 8.44 13.50 12.23
CA LEU A 11 8.94 14.81 12.67
C LEU A 11 8.44 16.00 11.83
N GLY A 12 7.90 15.74 10.64
CA GLY A 12 7.36 16.77 9.77
C GLY A 12 8.38 17.34 8.81
N GLY A 13 7.90 18.16 7.88
CA GLY A 13 8.75 18.79 6.88
C GLY A 13 8.65 18.12 5.53
N PRO A 14 9.30 18.68 4.50
CA PRO A 14 9.21 18.10 3.16
C PRO A 14 9.98 16.78 3.05
N SER A 15 9.68 16.02 1.98
CA SER A 15 10.22 14.68 1.75
C SER A 15 10.80 14.55 0.34
N VAL A 16 11.88 13.79 0.24
CA VAL A 16 12.69 13.69 -0.99
C VAL A 16 12.72 12.25 -1.46
N PHE A 17 12.49 12.05 -2.75
CA PHE A 17 12.56 10.74 -3.39
C PHE A 17 13.35 10.89 -4.67
N LEU A 18 14.30 9.99 -4.86
CA LEU A 18 15.28 10.08 -5.94
C LEU A 18 15.17 8.81 -6.76
N PHE A 19 14.92 8.96 -8.05
CA PHE A 19 14.56 7.89 -8.95
C PHE A 19 15.61 7.69 -10.04
N PRO A 20 15.87 6.44 -10.42
CA PRO A 20 16.96 6.15 -11.33
C PRO A 20 16.48 6.26 -12.76
N PRO A 21 17.37 6.19 -13.75
CA PRO A 21 16.92 6.20 -15.14
C PRO A 21 16.19 4.92 -15.48
N LYS A 22 15.49 4.93 -16.62
CA LYS A 22 14.91 3.67 -17.06
C LYS A 22 15.99 2.81 -17.71
N PRO A 23 15.98 1.48 -17.48
CA PRO A 23 17.03 0.63 -18.07
C PRO A 23 17.24 0.84 -19.57
N LYS A 24 16.13 0.93 -20.31
CA LYS A 24 16.25 1.10 -21.75
C LYS A 24 17.00 2.37 -22.09
N ASP A 25 16.78 3.46 -21.32
CA ASP A 25 17.44 4.73 -21.61
C ASP A 25 18.94 4.66 -21.36
N THR A 26 19.37 3.90 -20.36
CA THR A 26 20.81 3.72 -20.16
C THR A 26 21.44 2.76 -21.18
N LEU A 27 20.64 1.92 -21.84
CA LEU A 27 21.19 0.89 -22.69
C LEU A 27 21.27 1.30 -24.16
N MET A 28 20.59 2.37 -24.57
CA MET A 28 20.59 2.79 -25.96
C MET A 28 21.17 4.20 -26.09
N ILE A 29 22.13 4.36 -27.01
CA ILE A 29 22.87 5.60 -27.10
C ILE A 29 21.99 6.73 -27.64
N SER A 30 21.00 6.40 -28.46
CA SER A 30 20.11 7.39 -29.02
C SER A 30 19.15 8.01 -27.99
N ARG A 31 18.97 7.37 -26.83
CA ARG A 31 18.06 7.85 -25.80
C ARG A 31 18.83 8.64 -24.74
N THR A 32 18.09 9.28 -23.85
CA THR A 32 18.71 10.12 -22.82
C THR A 32 18.30 9.68 -21.43
N PRO A 33 19.16 9.00 -20.69
CA PRO A 33 18.83 8.63 -19.31
C PRO A 33 18.87 9.83 -18.37
N GLU A 34 18.09 9.73 -17.30
CA GLU A 34 17.85 10.82 -16.36
C GLU A 34 17.64 10.29 -14.96
N VAL A 35 18.29 10.93 -14.01
CA VAL A 35 17.99 10.76 -12.60
C VAL A 35 17.06 11.87 -12.17
N THR A 36 16.04 11.54 -11.37
CA THR A 36 14.95 12.47 -11.05
C THR A 36 14.80 12.63 -9.54
N CYS A 37 14.99 13.86 -9.05
CA CYS A 37 14.83 14.21 -7.64
C CYS A 37 13.49 14.92 -7.43
N VAL A 38 12.59 14.29 -6.68
CA VAL A 38 11.23 14.80 -6.43
C VAL A 38 11.12 15.21 -4.96
N VAL A 39 10.59 16.41 -4.71
CA VAL A 39 10.37 16.90 -3.36
C VAL A 39 8.87 17.12 -3.20
N VAL A 40 8.28 16.51 -2.16
CA VAL A 40 6.85 16.63 -1.90
C VAL A 40 6.66 17.19 -0.49
N ASP A 41 5.43 17.59 -0.19
CA ASP A 41 5.05 18.21 1.08
C ASP A 41 5.78 19.55 1.30
N VAL A 42 5.88 20.33 0.23
CA VAL A 42 6.37 21.70 0.30
C VAL A 42 5.19 22.62 0.56
N SER A 43 5.20 23.30 1.71
CA SER A 43 4.18 24.23 2.17
C SER A 43 4.18 25.52 1.38
N HIS A 44 3.01 26.14 1.30
CA HIS A 44 2.93 27.50 0.77
C HIS A 44 3.80 28.48 1.57
N GLU A 45 3.87 28.30 2.89
CA GLU A 45 4.52 29.25 3.80
C GLU A 45 6.03 29.35 3.56
N ASP A 46 6.68 28.22 3.26
CA ASP A 46 8.10 28.13 2.90
C ASP A 46 8.28 27.32 1.63
N PRO A 47 8.02 27.92 0.46
CA PRO A 47 8.03 27.14 -0.80
C PRO A 47 9.32 27.13 -1.59
N GLU A 48 10.39 27.81 -1.18
CA GLU A 48 11.61 27.84 -2.00
C GLU A 48 12.49 26.62 -1.70
N VAL A 49 12.88 25.89 -2.75
CA VAL A 49 13.66 24.66 -2.62
C VAL A 49 14.93 24.80 -3.47
N LYS A 50 16.08 24.61 -2.83
CA LYS A 50 17.37 24.60 -3.53
C LYS A 50 17.84 23.17 -3.73
N PHE A 51 18.33 22.86 -4.93
CA PHE A 51 18.88 21.55 -5.27
C PHE A 51 20.38 21.69 -5.51
N ASN A 52 21.17 20.86 -4.84
CA ASN A 52 22.57 20.68 -5.24
C ASN A 52 22.74 19.26 -5.72
N TRP A 53 23.54 19.07 -6.77
CA TRP A 53 23.74 17.75 -7.35
C TRP A 53 25.22 17.40 -7.34
N TYR A 54 25.52 16.16 -6.96
CA TYR A 54 26.87 15.65 -6.88
C TYR A 54 26.96 14.32 -7.59
N VAL A 55 28.04 14.13 -8.34
CA VAL A 55 28.38 12.88 -9.00
C VAL A 55 29.70 12.39 -8.42
N ASP A 56 29.67 11.21 -7.80
CA ASP A 56 30.79 10.75 -6.99
C ASP A 56 31.37 11.87 -6.11
N GLY A 57 30.49 12.69 -5.54
CA GLY A 57 30.92 13.66 -4.57
C GLY A 57 31.40 14.97 -5.15
N VAL A 58 31.40 15.11 -6.48
CA VAL A 58 31.79 16.34 -7.11
C VAL A 58 30.54 17.02 -7.60
N GLU A 59 30.36 18.29 -7.24
CA GLU A 59 29.16 19.02 -7.63
C GLU A 59 29.13 19.25 -9.15
N VAL A 60 27.93 19.13 -9.72
CA VAL A 60 27.70 19.38 -11.14
C VAL A 60 26.59 20.42 -11.22
N HIS A 61 26.39 20.97 -12.43
CA HIS A 61 25.59 22.19 -12.55
C HIS A 61 24.67 22.16 -13.74
N ASN A 62 24.54 21.02 -14.40
CA ASN A 62 23.74 20.88 -15.60
C ASN A 62 22.34 20.35 -15.32
N ALA A 63 21.95 20.16 -14.06
CA ALA A 63 20.59 19.73 -13.76
C ALA A 63 19.57 20.80 -14.16
N LYS A 64 18.35 20.34 -14.51
CA LYS A 64 17.23 21.21 -14.91
C LYS A 64 16.14 21.15 -13.86
N THR A 65 16.01 22.19 -13.05
CA THR A 65 14.95 22.28 -12.07
C THR A 65 13.69 22.89 -12.69
N LYS A 66 12.54 22.30 -12.40
CA LYS A 66 11.25 22.69 -12.95
C LYS A 66 10.55 23.64 -11.99
N PRO A 67 9.60 24.44 -12.48
CA PRO A 67 8.83 25.27 -11.53
C PRO A 67 7.96 24.37 -10.64
N ARG A 68 7.84 24.77 -9.37
CA ARG A 68 6.90 24.11 -8.46
C ARG A 68 5.49 24.05 -9.06
N GLU A 69 4.72 23.05 -8.61
CA GLU A 69 3.33 22.85 -9.01
C GLU A 69 2.50 22.50 -7.78
N GLU A 70 1.37 23.17 -7.62
CA GLU A 70 0.46 22.83 -6.53
C GLU A 70 -0.24 21.51 -6.85
N GLN A 71 -0.28 20.62 -5.86
CA GLN A 71 -0.88 19.30 -5.99
C GLN A 71 -2.33 19.32 -5.51
N TYR A 72 -3.03 18.22 -5.76
CA TYR A 72 -4.42 18.10 -5.31
C TYR A 72 -4.55 18.40 -3.82
N ASN A 73 -3.63 17.90 -2.98
CA ASN A 73 -3.72 18.11 -1.54
C ASN A 73 -3.18 19.48 -1.09
N SER A 74 -3.09 20.45 -1.99
CA SER A 74 -2.72 21.83 -1.69
C SER A 74 -1.29 21.97 -1.19
N THR A 75 -0.44 20.98 -1.44
CA THR A 75 0.99 21.13 -1.22
C THR A 75 1.66 21.41 -2.55
N TYR A 76 2.89 21.91 -2.48
CA TYR A 76 3.70 22.02 -3.66
C TYR A 76 4.54 20.76 -3.83
N ARG A 77 4.86 20.43 -5.08
CA ARG A 77 5.84 19.41 -5.39
C ARG A 77 6.83 20.01 -6.37
N VAL A 78 8.12 19.78 -6.19
CA VAL A 78 9.07 20.36 -7.14
C VAL A 78 10.09 19.30 -7.58
N VAL A 79 10.42 19.32 -8.88
CA VAL A 79 11.22 18.27 -9.51
C VAL A 79 12.51 18.86 -10.07
N SER A 80 13.62 18.14 -9.89
CA SER A 80 14.88 18.53 -10.53
C SER A 80 15.44 17.30 -11.23
N VAL A 81 15.79 17.45 -12.51
CA VAL A 81 16.14 16.35 -13.38
C VAL A 81 17.58 16.50 -13.84
N LEU A 82 18.39 15.46 -13.62
CA LEU A 82 19.80 15.47 -14.01
C LEU A 82 20.03 14.42 -15.09
N THR A 83 20.42 14.88 -16.28
CA THR A 83 20.86 13.98 -17.34
C THR A 83 22.17 13.31 -16.95
N VAL A 84 22.26 11.99 -17.17
CA VAL A 84 23.49 11.26 -16.89
C VAL A 84 24.03 10.67 -18.18
N LEU A 85 25.35 10.56 -18.27
CA LEU A 85 25.96 9.81 -19.36
C LEU A 85 25.71 8.30 -19.16
N HIS A 86 25.34 7.63 -20.26
CA HIS A 86 25.10 6.18 -20.20
C HIS A 86 26.21 5.43 -19.49
N GLN A 87 27.46 5.66 -19.91
CA GLN A 87 28.60 4.92 -19.39
C GLN A 87 28.86 5.24 -17.93
N ASP A 88 28.60 6.47 -17.49
CA ASP A 88 28.73 6.79 -16.08
C ASP A 88 27.75 5.98 -15.24
N TRP A 89 26.49 5.94 -15.67
CA TRP A 89 25.53 5.16 -14.92
C TRP A 89 25.92 3.68 -14.90
N LEU A 90 26.23 3.11 -16.06
CA LEU A 90 26.55 1.67 -16.09
C LEU A 90 27.86 1.34 -15.38
N ASN A 91 28.79 2.31 -15.27
CA ASN A 91 30.05 2.12 -14.56
C ASN A 91 29.94 2.36 -13.07
N GLY A 92 28.74 2.64 -12.56
CA GLY A 92 28.50 2.61 -11.14
C GLY A 92 28.72 3.90 -10.40
N LYS A 93 28.76 5.04 -11.07
CA LYS A 93 28.85 6.32 -10.39
C LYS A 93 27.65 6.55 -9.46
N GLU A 94 27.90 7.25 -8.37
CA GLU A 94 26.87 7.61 -7.40
C GLU A 94 26.30 8.99 -7.73
N TYR A 95 24.98 9.11 -7.71
CA TYR A 95 24.33 10.40 -7.93
C TYR A 95 23.62 10.83 -6.65
N LYS A 96 23.92 12.04 -6.19
CA LYS A 96 23.42 12.55 -4.92
C LYS A 96 22.69 13.85 -5.16
N CYS A 97 21.43 13.88 -4.73
CA CYS A 97 20.60 15.07 -4.72
C CYS A 97 20.54 15.61 -3.30
N LYS A 98 20.78 16.92 -3.13
CA LYS A 98 20.78 17.58 -1.82
C LYS A 98 19.76 18.69 -1.82
N VAL A 99 18.78 18.61 -0.93
CA VAL A 99 17.60 19.47 -0.94
C VAL A 99 17.64 20.38 0.28
N SER A 100 17.49 21.69 0.04
CA SER A 100 17.48 22.71 1.10
C SER A 100 16.15 23.46 1.08
N ASN A 101 15.56 23.64 2.26
CA ASN A 101 14.29 24.31 2.47
C ASN A 101 14.24 24.85 3.90
N LYS A 102 13.60 26.01 4.05
CA LYS A 102 13.52 26.68 5.35
C LYS A 102 12.83 25.82 6.40
N ALA A 103 11.86 25.00 6.00
CA ALA A 103 11.19 24.07 6.91
C ALA A 103 12.02 22.83 7.21
N LEU A 104 13.24 22.75 6.71
CA LEU A 104 13.98 21.60 7.21
C LEU A 104 15.01 22.06 8.25
N PRO A 105 15.23 21.31 9.33
CA PRO A 105 16.33 21.68 10.25
C PRO A 105 17.69 21.70 9.54
N ALA A 106 18.03 20.64 8.83
CA ALA A 106 19.21 20.56 7.97
C ALA A 106 18.82 19.93 6.65
N PRO A 107 19.61 20.15 5.59
CA PRO A 107 19.23 19.63 4.27
C PRO A 107 19.13 18.11 4.22
N ILE A 108 18.27 17.62 3.33
CA ILE A 108 18.12 16.18 3.11
C ILE A 108 18.95 15.78 1.90
N GLU A 109 19.73 14.70 2.03
CA GLU A 109 20.53 14.16 0.93
C GLU A 109 20.08 12.75 0.62
N LYS A 110 19.98 12.44 -0.68
CA LYS A 110 19.68 11.09 -1.16
C LYS A 110 20.68 10.72 -2.24
N THR A 111 21.05 9.44 -2.29
CA THR A 111 22.05 8.91 -3.22
C THR A 111 21.51 7.67 -3.91
N ILE A 112 21.86 7.49 -5.19
CA ILE A 112 21.36 6.37 -5.98
C ILE A 112 22.44 5.97 -6.97
N SER A 113 22.46 4.69 -7.34
CA SER A 113 23.39 4.18 -8.32
C SER A 113 22.87 2.83 -8.81
N LYS A 114 23.56 2.29 -9.81
CA LYS A 114 23.19 1.01 -10.38
C LYS A 114 23.35 -0.10 -9.35
N ALA A 115 22.44 -1.09 -9.39
CA ALA A 115 22.54 -2.26 -8.52
C ALA A 115 23.91 -2.92 -8.63
N LYS A 116 24.50 -3.24 -7.49
CA LYS A 116 25.81 -3.86 -7.50
C LYS A 116 25.70 -5.38 -7.59
N GLY A 117 26.80 -6.02 -7.96
CA GLY A 117 26.79 -7.44 -8.21
C GLY A 117 27.33 -7.82 -9.58
N GLN A 118 27.84 -9.03 -9.70
CA GLN A 118 28.45 -9.49 -10.94
C GLN A 118 27.41 -9.64 -12.04
N PRO A 119 27.51 -8.92 -13.15
CA PRO A 119 26.53 -9.08 -14.22
C PRO A 119 26.60 -10.45 -14.88
N ARG A 120 25.42 -10.98 -15.25
CA ARG A 120 25.29 -12.24 -15.99
C ARG A 120 24.45 -12.02 -17.24
N GLU A 121 24.83 -12.72 -18.31
CA GLU A 121 24.22 -12.56 -19.63
C GLU A 121 22.90 -13.30 -19.71
N PRO A 122 21.80 -12.62 -19.98
CA PRO A 122 20.52 -13.33 -20.14
C PRO A 122 20.50 -14.21 -21.37
N GLN A 123 19.94 -15.40 -21.21
CA GLN A 123 19.59 -16.30 -22.32
C GLN A 123 18.10 -16.13 -22.65
N VAL A 124 17.77 -16.02 -23.93
CA VAL A 124 16.45 -15.72 -24.47
C VAL A 124 15.96 -16.91 -25.30
N TYR A 125 14.74 -17.38 -25.01
CA TYR A 125 14.16 -18.57 -25.62
C TYR A 125 12.71 -18.29 -25.96
N THR A 126 12.34 -18.43 -27.23
CA THR A 126 10.96 -18.26 -27.59
C THR A 126 10.30 -19.63 -27.53
N LEU A 127 9.05 -19.65 -27.07
CA LEU A 127 8.26 -20.85 -26.91
C LEU A 127 6.94 -20.63 -27.63
N PRO A 128 6.58 -21.52 -28.54
CA PRO A 128 5.31 -21.38 -29.27
C PRO A 128 4.16 -21.83 -28.38
N PRO A 129 2.92 -21.63 -28.82
CA PRO A 129 1.78 -22.01 -27.98
C PRO A 129 1.63 -23.52 -27.83
N SER A 130 1.13 -23.91 -26.66
CA SER A 130 0.72 -25.30 -26.42
C SER A 130 -0.24 -25.78 -27.50
N ARG A 131 -0.13 -27.07 -27.82
CA ARG A 131 -1.09 -27.73 -28.69
C ARG A 131 -2.52 -27.47 -28.21
N ASP A 132 -2.76 -27.55 -26.91
CA ASP A 132 -4.11 -27.40 -26.40
C ASP A 132 -4.65 -25.99 -26.52
N GLU A 133 -3.76 -24.98 -26.59
CA GLU A 133 -4.22 -23.61 -26.73
C GLU A 133 -4.63 -23.28 -28.17
N LEU A 134 -4.20 -24.08 -29.15
CA LEU A 134 -4.54 -23.79 -30.54
C LEU A 134 -6.03 -23.94 -30.83
N THR A 135 -6.84 -24.41 -29.90
CA THR A 135 -8.28 -24.47 -30.08
C THR A 135 -8.96 -23.16 -29.72
N LYS A 136 -8.22 -22.13 -29.31
CA LYS A 136 -8.79 -20.86 -28.89
C LYS A 136 -8.67 -19.84 -30.01
N ASN A 137 -9.45 -18.76 -29.88
CA ASN A 137 -9.41 -17.70 -30.88
C ASN A 137 -8.10 -16.91 -30.81
N GLN A 138 -7.53 -16.75 -29.60
CA GLN A 138 -6.25 -16.09 -29.40
C GLN A 138 -5.27 -17.04 -28.72
N VAL A 139 -3.99 -16.89 -29.05
CA VAL A 139 -2.94 -17.78 -28.56
C VAL A 139 -1.81 -16.97 -27.95
N SER A 140 -1.05 -17.65 -27.09
CA SER A 140 0.06 -17.10 -26.33
C SER A 140 1.39 -17.51 -26.95
N LEU A 141 2.18 -16.50 -27.33
CA LEU A 141 3.59 -16.65 -27.66
C LEU A 141 4.43 -16.27 -26.45
N THR A 142 5.37 -17.13 -26.07
CA THR A 142 6.11 -16.92 -24.83
C THR A 142 7.55 -16.59 -25.14
N CYS A 143 8.08 -15.60 -24.44
CA CYS A 143 9.52 -15.31 -24.47
C CYS A 143 10.03 -15.54 -23.05
N LEU A 144 10.87 -16.56 -22.89
CA LEU A 144 11.54 -16.82 -21.61
C LEU A 144 12.90 -16.17 -21.63
N VAL A 145 13.17 -15.34 -20.61
CA VAL A 145 14.46 -14.69 -20.45
C VAL A 145 15.00 -15.12 -19.10
N LYS A 146 16.18 -15.75 -19.08
CA LYS A 146 16.63 -16.27 -17.80
C LYS A 146 18.13 -16.09 -17.65
N GLY A 147 18.58 -16.30 -16.41
CA GLY A 147 19.97 -16.23 -16.02
C GLY A 147 20.60 -14.85 -15.98
N PHE A 148 19.83 -13.78 -15.87
CA PHE A 148 20.41 -12.45 -15.98
C PHE A 148 20.61 -11.82 -14.60
N TYR A 149 21.57 -10.89 -14.53
CA TYR A 149 21.89 -10.11 -13.35
C TYR A 149 22.60 -8.85 -13.83
N PRO A 150 22.26 -7.65 -13.28
CA PRO A 150 21.20 -7.33 -12.32
C PRO A 150 19.83 -7.43 -12.98
N SER A 151 18.75 -7.14 -12.25
CA SER A 151 17.40 -7.39 -12.75
C SER A 151 16.87 -6.32 -13.71
N ASP A 152 17.51 -5.17 -13.79
CA ASP A 152 17.15 -4.14 -14.77
C ASP A 152 17.23 -4.68 -16.20
N ILE A 153 16.13 -4.59 -16.94
CA ILE A 153 16.03 -5.24 -18.23
C ILE A 153 14.82 -4.65 -18.95
N ALA A 154 14.81 -4.70 -20.29
CA ALA A 154 13.65 -4.33 -21.07
C ALA A 154 13.35 -5.41 -22.10
N VAL A 155 12.06 -5.74 -22.29
CA VAL A 155 11.61 -6.77 -23.21
C VAL A 155 10.47 -6.19 -24.03
N GLU A 156 10.56 -6.36 -25.35
CA GLU A 156 9.58 -5.84 -26.29
C GLU A 156 9.28 -6.90 -27.33
N TRP A 157 8.12 -6.78 -27.99
CA TRP A 157 7.76 -7.68 -29.06
C TRP A 157 7.56 -6.92 -30.36
N GLU A 158 7.68 -7.63 -31.49
CA GLU A 158 7.38 -7.01 -32.79
C GLU A 158 7.21 -8.11 -33.83
N SER A 159 6.62 -7.72 -34.96
CA SER A 159 6.58 -8.60 -36.11
C SER A 159 6.55 -7.73 -37.36
N ASN A 160 7.24 -8.18 -38.40
CA ASN A 160 7.40 -7.44 -39.64
C ASN A 160 7.98 -6.06 -39.39
N GLY A 161 8.86 -5.94 -38.38
CA GLY A 161 9.51 -4.69 -38.04
C GLY A 161 8.70 -3.73 -37.18
N GLN A 162 7.24 -3.90 -37.13
CA GLN A 162 6.34 -3.04 -36.39
C GLN A 162 6.17 -3.55 -34.96
N PRO A 163 6.06 -2.66 -33.98
CA PRO A 163 5.84 -3.13 -32.60
C PRO A 163 4.50 -3.84 -32.47
N GLU A 164 4.46 -4.80 -31.54
CA GLU A 164 3.26 -5.54 -31.21
C GLU A 164 2.78 -5.05 -29.86
N ASN A 165 1.51 -4.74 -29.75
CA ASN A 165 1.08 -4.04 -28.54
C ASN A 165 0.61 -4.98 -27.45
N ASN A 166 0.05 -6.12 -27.83
CA ASN A 166 -0.78 -6.88 -26.92
C ASN A 166 0.05 -7.95 -26.20
N TYR A 167 0.92 -7.45 -25.30
CA TYR A 167 1.80 -8.31 -24.55
C TYR A 167 1.94 -7.79 -23.11
N LYS A 168 2.28 -8.73 -22.24
CA LYS A 168 2.54 -8.43 -20.84
C LYS A 168 3.76 -9.21 -20.40
N THR A 169 4.49 -8.66 -19.42
CA THR A 169 5.75 -9.22 -18.96
C THR A 169 5.71 -9.33 -17.45
N THR A 170 6.15 -10.48 -16.92
CA THR A 170 6.19 -10.66 -15.48
C THR A 170 7.32 -9.82 -14.91
N PRO A 171 7.25 -9.47 -13.63
CA PRO A 171 8.43 -8.89 -12.98
C PRO A 171 9.54 -9.92 -12.90
N PRO A 172 10.79 -9.49 -12.84
CA PRO A 172 11.90 -10.42 -12.61
C PRO A 172 11.67 -11.26 -11.35
N VAL A 173 12.04 -12.54 -11.42
CA VAL A 173 11.92 -13.46 -10.27
C VAL A 173 13.32 -13.95 -9.89
N LEU A 174 13.65 -13.89 -8.62
CA LEU A 174 14.94 -14.39 -8.15
C LEU A 174 14.97 -15.91 -8.20
N ASP A 175 15.87 -16.46 -9.01
CA ASP A 175 15.98 -17.90 -9.23
C ASP A 175 16.86 -18.53 -8.15
N SER A 176 16.86 -19.85 -8.08
CA SER A 176 17.55 -20.56 -7.02
C SER A 176 19.06 -20.61 -7.21
N ASP A 177 19.59 -19.93 -8.24
CA ASP A 177 21.03 -19.84 -8.44
C ASP A 177 21.54 -18.41 -8.29
N GLY A 178 20.70 -17.47 -7.91
CA GLY A 178 21.12 -16.11 -7.69
C GLY A 178 20.89 -15.16 -8.85
N SER A 179 20.60 -15.67 -10.06
CA SER A 179 20.25 -14.82 -11.18
C SER A 179 18.73 -14.65 -11.25
N PHE A 180 18.26 -13.85 -12.20
CA PHE A 180 16.84 -13.58 -12.38
C PHE A 180 16.35 -14.21 -13.68
N PHE A 181 15.05 -14.52 -13.73
CA PHE A 181 14.37 -14.82 -14.98
C PHE A 181 13.05 -14.05 -15.01
N LEU A 182 12.48 -13.86 -16.20
CA LEU A 182 11.07 -13.47 -16.34
C LEU A 182 10.47 -14.15 -17.56
N TYR A 183 9.15 -14.12 -17.68
CA TYR A 183 8.49 -14.47 -18.93
C TYR A 183 7.74 -13.29 -19.53
N SER A 184 7.69 -13.22 -20.85
CA SER A 184 6.85 -12.25 -21.56
C SER A 184 5.90 -12.99 -22.48
N LYS A 185 4.62 -12.61 -22.44
CA LYS A 185 3.56 -13.30 -23.16
C LYS A 185 2.93 -12.31 -24.13
N LEU A 186 3.06 -12.62 -25.42
CA LEU A 186 2.40 -11.88 -26.50
C LEU A 186 1.11 -12.63 -26.86
N THR A 187 -0.01 -11.92 -26.94
CA THR A 187 -1.28 -12.53 -27.35
C THR A 187 -1.60 -12.13 -28.78
N VAL A 188 -1.87 -13.13 -29.62
CA VAL A 188 -2.18 -12.85 -31.02
C VAL A 188 -3.34 -13.73 -31.45
N ASP A 189 -4.14 -13.21 -32.38
CA ASP A 189 -5.21 -14.00 -32.97
C ASP A 189 -4.64 -15.25 -33.61
N LYS A 190 -5.33 -16.39 -33.41
CA LYS A 190 -4.83 -17.65 -33.92
C LYS A 190 -4.61 -17.62 -35.42
N SER A 191 -5.44 -16.87 -36.14
CA SER A 191 -5.23 -16.67 -37.57
C SER A 191 -3.78 -16.25 -37.84
N ARG A 192 -3.35 -15.13 -37.25
CA ARG A 192 -2.01 -14.60 -37.50
C ARG A 192 -0.92 -15.62 -37.21
N TRP A 193 -1.12 -16.46 -36.21
CA TRP A 193 -0.11 -17.48 -35.95
C TRP A 193 -0.11 -18.54 -37.05
N GLN A 194 -1.29 -19.00 -37.47
CA GLN A 194 -1.31 -20.09 -38.44
C GLN A 194 -0.96 -19.64 -39.87
N GLN A 195 -1.11 -18.34 -40.19
CA GLN A 195 -0.73 -17.87 -41.52
C GLN A 195 0.78 -18.02 -41.74
N GLY A 196 1.57 -17.89 -40.68
CA GLY A 196 3.01 -18.00 -40.79
C GLY A 196 3.78 -16.74 -40.51
N ASN A 197 3.15 -15.70 -39.97
CA ASN A 197 3.91 -14.50 -39.62
C ASN A 197 5.01 -14.83 -38.62
N VAL A 198 6.12 -14.11 -38.73
CA VAL A 198 7.22 -14.22 -37.79
C VAL A 198 7.03 -13.17 -36.70
N PHE A 199 7.08 -13.60 -35.45
CA PHE A 199 7.12 -12.68 -34.32
C PHE A 199 8.50 -12.75 -33.71
N SER A 200 8.88 -11.71 -33.00
CA SER A 200 10.22 -11.70 -32.45
C SER A 200 10.22 -10.90 -31.16
N CYS A 201 11.01 -11.42 -30.21
CA CYS A 201 11.17 -10.95 -28.85
C CYS A 201 12.53 -10.23 -28.74
N SER A 202 12.52 -8.96 -28.33
CA SER A 202 13.73 -8.16 -28.15
C SER A 202 14.03 -7.97 -26.67
N VAL A 203 15.28 -8.19 -26.30
CA VAL A 203 15.73 -8.07 -24.92
C VAL A 203 16.88 -7.05 -24.86
N MET A 204 16.82 -6.14 -23.89
CA MET A 204 17.88 -5.17 -23.61
C MET A 204 18.38 -5.30 -22.17
N HIS A 205 19.69 -5.51 -22.02
CA HIS A 205 20.36 -5.78 -20.76
C HIS A 205 21.83 -5.41 -20.90
N GLU A 206 22.41 -4.95 -19.79
CA GLU A 206 23.78 -4.46 -19.86
C GLU A 206 24.77 -5.55 -20.17
N ALA A 207 24.41 -6.81 -19.96
CA ALA A 207 25.34 -7.91 -20.14
C ALA A 207 25.22 -8.55 -21.50
N LEU A 208 24.40 -8.01 -22.39
CA LEU A 208 24.37 -8.47 -23.77
C LEU A 208 25.35 -7.70 -24.63
N HIS A 209 25.77 -8.33 -25.74
CA HIS A 209 26.58 -7.66 -26.76
C HIS A 209 25.73 -6.66 -27.52
N ASN A 210 26.17 -5.41 -27.55
CA ASN A 210 25.38 -4.28 -28.06
C ASN A 210 24.17 -3.99 -27.19
N HIS A 211 24.15 -4.50 -25.96
CA HIS A 211 23.05 -4.32 -24.99
C HIS A 211 21.74 -4.87 -25.50
N TYR A 212 21.77 -5.71 -26.54
CA TYR A 212 20.57 -6.03 -27.30
C TYR A 212 20.69 -7.45 -27.82
N THR A 213 19.57 -8.15 -27.83
CA THR A 213 19.46 -9.36 -28.64
C THR A 213 18.01 -9.58 -29.01
N GLN A 214 17.82 -10.49 -29.96
CA GLN A 214 16.51 -10.70 -30.58
C GLN A 214 16.37 -12.17 -30.96
N LYS A 215 15.16 -12.73 -30.74
CA LYS A 215 14.84 -14.11 -31.06
C LYS A 215 13.49 -14.17 -31.75
N SER A 216 13.40 -14.99 -32.79
CA SER A 216 12.20 -15.09 -33.59
C SER A 216 11.42 -16.34 -33.23
N LEU A 217 10.18 -16.36 -33.68
CA LEU A 217 9.18 -17.33 -33.28
C LEU A 217 8.20 -17.41 -34.44
N SER A 218 8.09 -18.60 -35.02
CA SER A 218 7.24 -18.78 -36.17
C SER A 218 6.65 -20.19 -36.11
N LEU A 219 5.60 -20.40 -36.88
CA LEU A 219 5.05 -21.74 -37.03
C LEU A 219 6.07 -22.60 -37.77
N SER A 220 6.27 -23.84 -37.30
CA SER A 220 7.24 -24.75 -37.89
C SER A 220 6.65 -25.51 -39.09
N GLU B 9 10.06 5.32 21.37
CA GLU B 9 9.10 6.43 21.24
C GLU B 9 8.01 6.12 20.19
N LEU B 10 6.86 5.64 20.65
CA LEU B 10 5.82 5.11 19.78
C LEU B 10 4.59 6.00 19.93
N LEU B 11 4.59 7.12 19.20
CA LEU B 11 3.56 8.12 19.40
C LEU B 11 2.19 7.54 19.08
N GLY B 12 2.10 6.81 17.96
CA GLY B 12 0.85 6.29 17.48
C GLY B 12 0.35 5.04 18.17
N GLY B 13 1.10 4.53 19.15
CA GLY B 13 0.78 3.26 19.75
C GLY B 13 0.91 2.10 18.77
N PRO B 14 0.32 0.96 19.14
CA PRO B 14 0.53 -0.27 18.35
C PRO B 14 -0.18 -0.27 17.01
N SER B 15 0.39 -1.01 16.05
CA SER B 15 -0.19 -1.24 14.73
C SER B 15 -0.64 -2.69 14.58
N VAL B 16 -1.57 -2.91 13.64
CA VAL B 16 -2.16 -4.24 13.47
C VAL B 16 -2.06 -4.62 12.00
N PHE B 17 -1.73 -5.88 11.74
CA PHE B 17 -1.70 -6.40 10.38
C PHE B 17 -2.41 -7.75 10.37
N LEU B 18 -3.27 -7.96 9.39
CA LEU B 18 -4.17 -9.12 9.37
C LEU B 18 -3.98 -9.83 8.04
N PHE B 19 -3.57 -11.10 8.10
CA PHE B 19 -3.11 -11.88 6.98
C PHE B 19 -4.06 -13.05 6.67
N PRO B 20 -4.28 -13.28 5.39
CA PRO B 20 -5.23 -14.28 4.96
C PRO B 20 -4.60 -15.67 4.97
N PRO B 21 -5.39 -16.71 4.80
CA PRO B 21 -4.81 -18.04 4.62
C PRO B 21 -3.93 -18.12 3.37
N LYS B 22 -3.04 -19.09 3.35
CA LYS B 22 -2.41 -19.49 2.09
C LYS B 22 -3.45 -20.11 1.17
N PRO B 23 -3.39 -19.82 -0.14
CA PRO B 23 -4.39 -20.39 -1.07
C PRO B 23 -4.53 -21.91 -0.99
N LYS B 24 -3.40 -22.63 -1.03
CA LYS B 24 -3.41 -24.08 -0.93
C LYS B 24 -4.09 -24.54 0.35
N ASP B 25 -3.94 -23.81 1.45
CA ASP B 25 -4.57 -24.26 2.68
C ASP B 25 -6.09 -24.21 2.59
N THR B 26 -6.65 -23.25 1.85
CA THR B 26 -8.10 -23.19 1.73
C THR B 26 -8.65 -24.12 0.66
N LEU B 27 -7.81 -24.55 -0.26
CA LEU B 27 -8.25 -25.40 -1.36
C LEU B 27 -8.14 -26.89 -1.05
N MET B 28 -7.57 -27.31 0.08
CA MET B 28 -7.38 -28.73 0.37
C MET B 28 -7.87 -29.04 1.79
N ILE B 29 -8.80 -29.98 1.91
CA ILE B 29 -9.41 -30.28 3.19
C ILE B 29 -8.42 -30.94 4.14
N SER B 30 -7.36 -31.54 3.60
CA SER B 30 -6.34 -32.12 4.46
C SER B 30 -5.50 -31.04 5.16
N ARG B 31 -5.59 -29.79 4.71
CA ARG B 31 -4.84 -28.69 5.29
C ARG B 31 -5.76 -27.82 6.14
N THR B 32 -5.16 -26.92 6.91
CA THR B 32 -5.91 -26.06 7.84
C THR B 32 -5.61 -24.60 7.57
N PRO B 33 -6.53 -23.87 6.96
CA PRO B 33 -6.27 -22.46 6.67
C PRO B 33 -6.45 -21.61 7.92
N GLU B 34 -5.60 -20.58 8.05
CA GLU B 34 -5.55 -19.75 9.24
C GLU B 34 -5.50 -18.28 8.85
N VAL B 35 -6.17 -17.46 9.65
CA VAL B 35 -6.09 -16.01 9.61
C VAL B 35 -5.19 -15.55 10.75
N THR B 36 -4.25 -14.64 10.44
CA THR B 36 -3.19 -14.28 11.38
C THR B 36 -3.21 -12.78 11.66
N CYS B 37 -3.41 -12.43 12.93
CA CYS B 37 -3.50 -11.04 13.37
C CYS B 37 -2.26 -10.70 14.20
N VAL B 38 -1.42 -9.83 13.66
CA VAL B 38 -0.13 -9.47 14.23
C VAL B 38 -0.20 -8.03 14.75
N VAL B 39 0.01 -7.86 16.06
CA VAL B 39 0.13 -6.56 16.69
C VAL B 39 1.60 -6.26 16.89
N VAL B 40 2.08 -5.19 16.29
CA VAL B 40 3.47 -4.79 16.45
C VAL B 40 3.49 -3.39 17.07
N ASP B 41 4.68 -2.99 17.55
CA ASP B 41 4.88 -1.68 18.21
C ASP B 41 4.15 -1.59 19.55
N VAL B 42 4.18 -2.69 20.30
CA VAL B 42 3.65 -2.73 21.67
C VAL B 42 4.75 -2.29 22.63
N SER B 43 4.48 -1.25 23.42
CA SER B 43 5.49 -0.70 24.32
C SER B 43 5.62 -1.57 25.57
N HIS B 44 6.80 -1.48 26.20
CA HIS B 44 7.02 -2.14 27.48
C HIS B 44 6.12 -1.59 28.57
N GLU B 45 5.66 -0.35 28.45
CA GLU B 45 4.93 0.29 29.54
C GLU B 45 3.50 -0.19 29.65
N ASP B 46 2.88 -0.59 28.55
CA ASP B 46 1.50 -1.12 28.50
C ASP B 46 1.44 -2.27 27.52
N PRO B 47 1.93 -3.44 27.92
CA PRO B 47 2.14 -4.60 27.06
C PRO B 47 0.95 -5.53 26.95
N GLU B 48 -0.12 -5.24 27.70
CA GLU B 48 -1.32 -6.06 27.72
C GLU B 48 -2.14 -5.80 26.45
N VAL B 49 -2.29 -6.84 25.64
CA VAL B 49 -3.06 -6.79 24.39
C VAL B 49 -4.25 -7.71 24.57
N LYS B 50 -5.43 -7.24 24.19
CA LYS B 50 -6.60 -8.08 24.17
C LYS B 50 -7.03 -8.30 22.72
N PHE B 51 -7.48 -9.51 22.42
CA PHE B 51 -7.91 -9.89 21.08
C PHE B 51 -9.38 -10.28 21.13
N ASN B 52 -10.19 -9.68 20.28
CA ASN B 52 -11.51 -10.18 20.00
C ASN B 52 -11.56 -10.57 18.53
N TRP B 53 -12.30 -11.64 18.22
CA TRP B 53 -12.37 -12.16 16.87
C TRP B 53 -13.81 -12.35 16.44
N TYR B 54 -14.11 -11.96 15.20
CA TYR B 54 -15.47 -12.01 14.68
C TYR B 54 -15.51 -12.62 13.30
N VAL B 55 -16.50 -13.48 13.09
CA VAL B 55 -16.83 -14.05 11.80
C VAL B 55 -18.20 -13.50 11.41
N ASP B 56 -18.24 -12.72 10.33
CA ASP B 56 -19.48 -12.06 9.88
C ASP B 56 -20.19 -11.37 11.05
N GLY B 57 -19.42 -10.72 11.90
CA GLY B 57 -19.98 -9.98 13.01
C GLY B 57 -20.21 -10.77 14.28
N VAL B 58 -20.16 -12.10 14.23
CA VAL B 58 -20.41 -12.93 15.40
C VAL B 58 -19.08 -13.28 16.06
N GLU B 59 -18.94 -12.94 17.35
CA GLU B 59 -17.69 -13.22 18.04
C GLU B 59 -17.46 -14.73 18.16
N VAL B 60 -16.18 -15.13 18.11
CA VAL B 60 -15.76 -16.51 18.32
C VAL B 60 -14.66 -16.53 19.38
N HIS B 61 -14.46 -17.70 19.99
CA HIS B 61 -13.54 -17.83 21.12
C HIS B 61 -12.49 -18.90 20.92
N ASN B 62 -12.43 -19.51 19.73
CA ASN B 62 -11.46 -20.55 19.43
C ASN B 62 -10.18 -20.01 18.81
N ALA B 63 -9.83 -18.76 19.07
CA ALA B 63 -8.55 -18.29 18.61
C ALA B 63 -7.44 -18.81 19.50
N LYS B 64 -6.21 -18.70 19.01
CA LYS B 64 -5.02 -19.19 19.69
C LYS B 64 -3.97 -18.07 19.69
N THR B 65 -3.80 -17.43 20.84
CA THR B 65 -2.91 -16.29 20.97
C THR B 65 -1.63 -16.71 21.65
N LYS B 66 -0.47 -16.44 20.95
CA LYS B 66 0.77 -16.78 21.65
C LYS B 66 1.28 -15.54 22.42
N PRO B 67 1.96 -15.76 23.55
CA PRO B 67 2.37 -14.63 24.37
C PRO B 67 3.54 -13.90 23.71
N ARG B 68 3.79 -12.69 24.23
CA ARG B 68 4.59 -11.72 23.49
C ARG B 68 6.04 -12.17 23.33
N GLU B 69 6.77 -11.40 22.53
CA GLU B 69 8.21 -11.59 22.33
C GLU B 69 8.82 -10.23 22.11
N GLU B 70 9.88 -9.92 22.88
CA GLU B 70 10.61 -8.69 22.64
C GLU B 70 11.32 -8.77 21.28
N GLN B 71 11.38 -7.64 20.60
CA GLN B 71 11.97 -7.55 19.27
C GLN B 71 13.36 -6.94 19.37
N TYR B 72 14.01 -6.80 18.21
CA TYR B 72 15.33 -6.18 18.17
C TYR B 72 15.25 -4.69 18.51
N ASN B 73 14.19 -4.00 18.03
CA ASN B 73 13.94 -2.59 18.34
C ASN B 73 13.29 -2.37 19.70
N SER B 74 13.37 -3.39 20.57
CA SER B 74 12.99 -3.27 21.98
C SER B 74 11.53 -2.85 22.13
N THR B 75 10.67 -3.40 21.29
CA THR B 75 9.24 -3.34 21.49
C THR B 75 8.69 -4.77 21.52
N TYR B 76 7.44 -4.93 21.91
CA TYR B 76 6.82 -6.24 21.91
C TYR B 76 6.00 -6.46 20.63
N ARG B 77 5.93 -7.72 20.21
CA ARG B 77 5.10 -8.14 19.09
C ARG B 77 4.29 -9.37 19.51
N VAL B 78 3.00 -9.37 19.21
CA VAL B 78 2.11 -10.43 19.70
C VAL B 78 1.20 -10.90 18.56
N VAL B 79 0.97 -12.21 18.48
CA VAL B 79 0.29 -12.85 17.35
C VAL B 79 -0.88 -13.68 17.85
N SER B 80 -2.06 -13.47 17.24
CA SER B 80 -3.23 -14.32 17.46
C SER B 80 -3.59 -14.99 16.14
N VAL B 81 -3.81 -16.31 16.18
CA VAL B 81 -4.11 -17.11 14.99
C VAL B 81 -5.49 -17.73 15.14
N LEU B 82 -6.35 -17.56 14.14
CA LEU B 82 -7.68 -18.15 14.13
C LEU B 82 -7.78 -19.10 12.92
N THR B 83 -8.04 -20.38 13.16
CA THR B 83 -8.24 -21.26 12.03
C THR B 83 -9.65 -21.05 11.49
N VAL B 84 -9.79 -21.10 10.17
CA VAL B 84 -11.07 -20.91 9.51
C VAL B 84 -11.50 -22.20 8.81
N LEU B 85 -12.81 -22.27 8.56
CA LEU B 85 -13.40 -23.35 7.79
C LEU B 85 -13.23 -23.08 6.30
N HIS B 86 -12.86 -24.10 5.54
CA HIS B 86 -12.58 -23.86 4.13
C HIS B 86 -13.80 -23.24 3.44
N GLN B 87 -14.98 -23.84 3.63
CA GLN B 87 -16.17 -23.36 2.95
C GLN B 87 -16.53 -21.94 3.40
N ASP B 88 -16.30 -21.61 4.66
CA ASP B 88 -16.53 -20.25 5.14
C ASP B 88 -15.65 -19.23 4.42
N TRP B 89 -14.36 -19.48 4.38
CA TRP B 89 -13.45 -18.60 3.67
C TRP B 89 -13.89 -18.46 2.22
N LEU B 90 -14.10 -19.58 1.55
CA LEU B 90 -14.42 -19.59 0.12
C LEU B 90 -15.79 -19.00 -0.21
N ASN B 91 -16.75 -19.02 0.72
CA ASN B 91 -18.03 -18.39 0.53
C ASN B 91 -18.02 -16.89 0.85
N GLY B 92 -16.87 -16.31 1.19
CA GLY B 92 -16.77 -14.86 1.38
C GLY B 92 -17.12 -14.34 2.76
N LYS B 93 -17.07 -15.18 3.79
CA LYS B 93 -17.24 -14.66 5.15
C LYS B 93 -16.12 -13.68 5.49
N GLU B 94 -16.44 -12.72 6.37
CA GLU B 94 -15.52 -11.66 6.76
C GLU B 94 -14.89 -11.99 8.10
N TYR B 95 -13.57 -11.86 8.20
CA TYR B 95 -12.88 -12.14 9.46
C TYR B 95 -12.30 -10.86 10.05
N LYS B 96 -12.69 -10.61 11.30
CA LYS B 96 -12.39 -9.33 11.97
C LYS B 96 -11.60 -9.56 13.25
N CYS B 97 -10.41 -8.99 13.29
CA CYS B 97 -9.54 -8.96 14.44
C CYS B 97 -9.66 -7.57 15.09
N LYS B 98 -10.10 -7.54 16.35
CA LYS B 98 -10.17 -6.32 17.16
C LYS B 98 -9.11 -6.40 18.25
N VAL B 99 -8.24 -5.40 18.29
CA VAL B 99 -7.06 -5.37 19.15
C VAL B 99 -7.20 -4.20 20.11
N SER B 100 -7.23 -4.50 21.41
CA SER B 100 -7.38 -3.49 22.44
C SER B 100 -6.08 -3.32 23.22
N ASN B 101 -5.76 -2.05 23.53
CA ASN B 101 -4.55 -1.68 24.25
C ASN B 101 -4.74 -0.27 24.82
N LYS B 102 -4.09 -0.03 25.96
CA LYS B 102 -4.25 1.25 26.62
C LYS B 102 -3.62 2.40 25.82
N ALA B 103 -2.50 2.14 25.15
CA ALA B 103 -1.82 3.21 24.41
C ALA B 103 -2.62 3.70 23.20
N LEU B 104 -3.82 3.17 22.96
CA LEU B 104 -4.64 3.62 21.85
C LEU B 104 -5.87 4.34 22.39
N PRO B 105 -6.44 5.27 21.64
CA PRO B 105 -7.67 5.93 22.13
C PRO B 105 -8.85 5.00 22.06
N ALA B 106 -8.92 4.20 21.00
CA ALA B 106 -9.94 3.19 20.83
C ALA B 106 -9.25 1.93 20.33
N PRO B 107 -9.90 0.78 20.45
CA PRO B 107 -9.33 -0.45 19.87
C PRO B 107 -9.31 -0.42 18.33
N ILE B 108 -8.30 -1.07 17.77
CA ILE B 108 -8.13 -1.14 16.32
C ILE B 108 -8.87 -2.36 15.78
N GLU B 109 -9.65 -2.17 14.74
CA GLU B 109 -10.35 -3.24 14.05
C GLU B 109 -9.78 -3.39 12.65
N LYS B 110 -9.57 -4.64 12.23
CA LYS B 110 -9.14 -4.96 10.86
C LYS B 110 -9.99 -6.11 10.34
N THR B 111 -10.28 -6.09 9.05
CA THR B 111 -11.19 -7.06 8.44
C THR B 111 -10.58 -7.57 7.14
N ILE B 112 -10.65 -8.88 6.93
CA ILE B 112 -10.25 -9.48 5.66
C ILE B 112 -11.27 -10.51 5.21
N SER B 113 -11.29 -10.73 3.90
CA SER B 113 -12.13 -11.75 3.30
C SER B 113 -11.49 -12.12 1.98
N LYS B 114 -11.92 -13.24 1.42
CA LYS B 114 -11.42 -13.64 0.11
C LYS B 114 -11.66 -12.52 -0.90
N ALA B 115 -10.77 -12.41 -1.87
CA ALA B 115 -10.89 -11.38 -2.90
C ALA B 115 -12.24 -11.48 -3.60
N LYS B 116 -12.88 -10.33 -3.79
CA LYS B 116 -14.17 -10.31 -4.44
C LYS B 116 -14.01 -10.38 -5.95
N GLY B 117 -15.09 -10.74 -6.64
CA GLY B 117 -15.13 -10.76 -8.09
C GLY B 117 -15.52 -12.14 -8.58
N GLN B 118 -15.98 -12.23 -9.81
CA GLN B 118 -16.50 -13.50 -10.33
CA GLN B 118 -16.49 -13.49 -10.31
C GLN B 118 -15.34 -14.45 -10.62
N PRO B 119 -15.35 -15.66 -10.07
CA PRO B 119 -14.26 -16.59 -10.34
C PRO B 119 -14.16 -16.90 -11.82
N ARG B 120 -12.93 -17.03 -12.28
CA ARG B 120 -12.62 -17.41 -13.65
C ARG B 120 -11.73 -18.64 -13.63
N GLU B 121 -12.03 -19.60 -14.48
CA GLU B 121 -11.33 -20.88 -14.45
C GLU B 121 -9.96 -20.76 -15.12
N PRO B 122 -8.86 -21.06 -14.43
CA PRO B 122 -7.56 -21.02 -15.08
C PRO B 122 -7.43 -22.05 -16.19
N GLN B 123 -6.77 -21.64 -17.27
CA GLN B 123 -6.32 -22.52 -18.35
C GLN B 123 -4.83 -22.78 -18.17
N VAL B 124 -4.44 -24.06 -18.24
CA VAL B 124 -3.10 -24.55 -17.91
C VAL B 124 -2.47 -25.12 -19.18
N TYR B 125 -1.27 -24.65 -19.52
CA TYR B 125 -0.58 -25.12 -20.71
C TYR B 125 0.86 -25.41 -20.37
N THR B 126 1.36 -26.56 -20.78
CA THR B 126 2.75 -26.91 -20.54
C THR B 126 3.54 -26.68 -21.83
N LEU B 127 4.75 -26.17 -21.67
CA LEU B 127 5.58 -25.74 -22.79
C LEU B 127 6.93 -26.41 -22.64
N PRO B 128 7.38 -27.15 -23.64
CA PRO B 128 8.66 -27.87 -23.53
C PRO B 128 9.81 -26.89 -23.73
N PRO B 129 11.06 -27.29 -23.45
CA PRO B 129 12.18 -26.36 -23.65
C PRO B 129 12.32 -25.93 -25.10
N SER B 130 12.86 -24.73 -25.28
CA SER B 130 13.29 -24.29 -26.61
C SER B 130 14.33 -25.26 -27.16
N ARG B 131 14.40 -25.35 -28.50
CA ARG B 131 15.49 -26.09 -29.09
C ARG B 131 16.83 -25.55 -28.61
N ASP B 132 16.97 -24.23 -28.61
CA ASP B 132 18.23 -23.58 -28.27
C ASP B 132 18.71 -23.91 -26.86
N GLU B 133 17.81 -24.33 -25.97
CA GLU B 133 18.26 -24.64 -24.61
C GLU B 133 18.73 -26.08 -24.49
N LEU B 134 18.45 -26.92 -25.49
CA LEU B 134 18.88 -28.33 -25.49
C LEU B 134 20.39 -28.48 -25.65
N THR B 135 21.13 -27.39 -25.78
CA THR B 135 22.58 -27.47 -25.78
C THR B 135 23.18 -27.28 -24.38
N LYS B 136 22.37 -26.89 -23.39
CA LYS B 136 22.90 -26.73 -22.04
C LYS B 136 22.68 -28.03 -21.26
N ASN B 137 23.11 -28.07 -20.01
CA ASN B 137 22.95 -29.29 -19.21
C ASN B 137 21.72 -29.29 -18.31
N GLN B 138 21.11 -28.13 -18.05
CA GLN B 138 19.78 -28.08 -17.49
C GLN B 138 18.86 -27.39 -18.48
N VAL B 139 17.59 -27.78 -18.44
CA VAL B 139 16.58 -27.24 -19.32
C VAL B 139 15.40 -26.79 -18.49
N SER B 140 14.56 -25.98 -19.11
CA SER B 140 13.46 -25.31 -18.45
C SER B 140 12.14 -25.89 -18.98
N LEU B 141 11.34 -26.44 -18.07
CA LEU B 141 9.97 -26.82 -18.38
C LEU B 141 9.04 -25.71 -17.91
N THR B 142 8.10 -25.31 -18.78
CA THR B 142 7.29 -24.13 -18.48
C THR B 142 5.83 -24.51 -18.33
N CYS B 143 5.18 -23.89 -17.36
CA CYS B 143 3.75 -24.04 -17.16
C CYS B 143 3.13 -22.66 -17.19
N LEU B 144 2.32 -22.39 -18.20
CA LEU B 144 1.57 -21.15 -18.29
C LEU B 144 0.17 -21.36 -17.74
N VAL B 145 -0.21 -20.52 -16.78
CA VAL B 145 -1.53 -20.58 -16.18
C VAL B 145 -2.18 -19.22 -16.39
N LYS B 146 -3.20 -19.15 -17.25
CA LYS B 146 -3.77 -17.86 -17.61
C LYS B 146 -5.28 -17.84 -17.39
N GLY B 147 -5.85 -16.64 -17.49
CA GLY B 147 -7.29 -16.45 -17.48
C GLY B 147 -8.00 -16.74 -16.18
N PHE B 148 -7.31 -16.66 -15.04
CA PHE B 148 -7.92 -16.95 -13.75
C PHE B 148 -8.20 -15.71 -12.92
N TYR B 149 -9.17 -15.86 -12.03
CA TYR B 149 -9.59 -14.87 -11.07
C TYR B 149 -10.31 -15.58 -9.93
N PRO B 150 -10.05 -15.20 -8.67
CA PRO B 150 -9.06 -14.21 -8.23
C PRO B 150 -7.61 -14.75 -8.31
N SER B 151 -6.63 -13.94 -7.90
CA SER B 151 -5.24 -14.29 -8.17
C SER B 151 -4.67 -15.33 -7.19
N ASP B 152 -5.45 -15.73 -6.18
CA ASP B 152 -5.08 -16.77 -5.22
C ASP B 152 -5.02 -18.12 -5.93
N ILE B 153 -3.82 -18.70 -5.99
CA ILE B 153 -3.60 -19.90 -6.78
C ILE B 153 -2.33 -20.54 -6.24
N ALA B 154 -2.21 -21.85 -6.42
CA ALA B 154 -0.96 -22.50 -6.04
C ALA B 154 -0.57 -23.48 -7.14
N VAL B 155 0.75 -23.61 -7.36
CA VAL B 155 1.29 -24.35 -8.49
C VAL B 155 2.41 -25.24 -8.00
N GLU B 156 2.39 -26.51 -8.40
CA GLU B 156 3.40 -27.46 -7.97
C GLU B 156 3.87 -28.24 -9.19
N TRP B 157 4.94 -29.01 -9.02
CA TRP B 157 5.42 -29.88 -10.08
C TRP B 157 5.69 -31.29 -9.56
N GLU B 158 5.57 -32.26 -10.47
CA GLU B 158 5.90 -33.65 -10.18
C GLU B 158 6.63 -34.24 -11.38
N SER B 159 7.40 -35.30 -11.13
CA SER B 159 8.03 -36.07 -12.19
C SER B 159 7.72 -37.55 -11.95
N ASN B 160 7.08 -38.20 -12.91
CA ASN B 160 6.56 -39.55 -12.78
C ASN B 160 5.75 -39.69 -11.49
N GLY B 161 4.99 -38.66 -11.18
CA GLY B 161 4.09 -38.69 -10.06
C GLY B 161 4.73 -38.37 -8.73
N GLN B 162 6.03 -38.15 -8.70
CA GLN B 162 6.60 -37.75 -7.42
C GLN B 162 6.95 -36.25 -7.41
N PRO B 163 6.76 -35.56 -6.30
CA PRO B 163 7.01 -34.10 -6.30
C PRO B 163 8.44 -33.73 -6.66
N GLU B 164 8.55 -32.71 -7.48
CA GLU B 164 9.79 -32.04 -7.84
C GLU B 164 9.94 -30.81 -6.96
N ASN B 165 11.15 -30.31 -6.87
CA ASN B 165 11.47 -29.28 -5.89
C ASN B 165 12.01 -28.01 -6.51
N ASN B 166 12.81 -28.10 -7.57
CA ASN B 166 13.56 -26.95 -8.04
C ASN B 166 12.74 -26.19 -9.08
N TYR B 167 11.77 -25.43 -8.58
CA TYR B 167 10.91 -24.71 -9.48
C TYR B 167 10.60 -23.39 -8.84
N LYS B 168 10.24 -22.44 -9.69
CA LYS B 168 9.93 -21.09 -9.25
C LYS B 168 8.76 -20.61 -10.07
N THR B 169 7.90 -19.84 -9.44
CA THR B 169 6.65 -19.38 -10.02
C THR B 169 6.62 -17.86 -9.96
N THR B 170 6.34 -17.21 -11.08
CA THR B 170 6.18 -15.76 -11.05
C THR B 170 4.94 -15.39 -10.24
N PRO B 171 4.91 -14.18 -9.68
CA PRO B 171 3.66 -13.66 -9.10
C PRO B 171 2.56 -13.65 -10.15
N PRO B 172 1.30 -13.61 -9.74
CA PRO B 172 0.23 -13.38 -10.72
C PRO B 172 0.40 -12.01 -11.37
N VAL B 173 0.10 -11.95 -12.66
CA VAL B 173 0.17 -10.69 -13.41
C VAL B 173 -1.20 -10.40 -14.00
N LEU B 174 -1.73 -9.20 -13.73
CA LEU B 174 -3.03 -8.80 -14.27
C LEU B 174 -2.95 -8.69 -15.79
N ASP B 175 -3.87 -9.36 -16.48
CA ASP B 175 -3.89 -9.36 -17.93
C ASP B 175 -4.87 -8.29 -18.42
N SER B 176 -4.97 -8.13 -19.74
CA SER B 176 -5.69 -7.00 -20.26
C SER B 176 -7.20 -7.15 -20.16
N ASP B 177 -7.71 -8.33 -19.83
CA ASP B 177 -9.14 -8.55 -19.71
C ASP B 177 -9.60 -8.64 -18.26
N GLY B 178 -8.71 -8.36 -17.31
CA GLY B 178 -9.08 -8.41 -15.92
C GLY B 178 -8.82 -9.73 -15.23
N SER B 179 -8.47 -10.78 -15.98
CA SER B 179 -8.00 -12.02 -15.37
C SER B 179 -6.49 -11.96 -15.15
N PHE B 180 -5.96 -12.93 -14.42
CA PHE B 180 -4.54 -13.00 -14.16
C PHE B 180 -3.89 -14.13 -14.96
N PHE B 181 -2.58 -14.01 -15.12
CA PHE B 181 -1.78 -15.11 -15.60
C PHE B 181 -0.50 -15.18 -14.80
N LEU B 182 0.17 -16.32 -14.90
CA LEU B 182 1.50 -16.49 -14.37
C LEU B 182 2.19 -17.59 -15.16
N TYR B 183 3.50 -17.71 -14.92
CA TYR B 183 4.31 -18.81 -15.41
C TYR B 183 5.04 -19.49 -14.26
N SER B 184 5.33 -20.77 -14.45
CA SER B 184 6.07 -21.56 -13.49
C SER B 184 7.15 -22.28 -14.27
N LYS B 185 8.38 -22.24 -13.77
CA LYS B 185 9.52 -22.83 -14.46
C LYS B 185 10.10 -23.91 -13.55
N LEU B 186 10.17 -25.12 -14.09
CA LEU B 186 10.84 -26.25 -13.45
C LEU B 186 12.15 -26.48 -14.17
N THR B 187 13.24 -26.53 -13.41
CA THR B 187 14.56 -26.73 -13.99
C THR B 187 14.93 -28.18 -13.82
N VAL B 188 15.25 -28.86 -14.93
CA VAL B 188 15.60 -30.28 -14.85
C VAL B 188 16.90 -30.52 -15.58
N ASP B 189 17.65 -31.50 -15.09
CA ASP B 189 18.80 -31.99 -15.83
C ASP B 189 18.34 -32.51 -17.17
N LYS B 190 19.07 -32.12 -18.22
CA LYS B 190 18.72 -32.54 -19.57
C LYS B 190 18.62 -34.05 -19.69
N SER B 191 19.38 -34.79 -18.88
CA SER B 191 19.27 -36.25 -18.92
C SER B 191 17.85 -36.68 -18.60
N ARG B 192 17.25 -36.11 -17.54
CA ARG B 192 15.90 -36.51 -17.15
C ARG B 192 14.85 -36.15 -18.19
N TRP B 193 15.05 -35.04 -18.92
CA TRP B 193 14.11 -34.71 -19.99
C TRP B 193 14.23 -35.68 -21.15
N GLN B 194 15.46 -35.95 -21.60
CA GLN B 194 15.66 -36.83 -22.75
C GLN B 194 15.37 -38.30 -22.44
N GLN B 195 15.47 -38.73 -21.19
CA GLN B 195 15.12 -40.10 -20.81
C GLN B 195 13.62 -40.38 -20.92
N GLY B 196 12.79 -39.35 -20.91
CA GLY B 196 11.36 -39.53 -21.05
C GLY B 196 10.54 -39.54 -19.78
N ASN B 197 11.13 -39.26 -18.62
CA ASN B 197 10.36 -39.09 -17.39
C ASN B 197 9.22 -38.09 -17.59
N VAL B 198 8.03 -38.41 -17.08
CA VAL B 198 6.85 -37.61 -17.34
C VAL B 198 6.73 -36.55 -16.26
N PHE B 199 6.79 -35.29 -16.67
CA PHE B 199 6.66 -34.18 -15.75
C PHE B 199 5.24 -33.64 -15.79
N SER B 200 4.82 -33.04 -14.69
CA SER B 200 3.46 -32.55 -14.62
C SER B 200 3.45 -31.30 -13.77
N CYS B 201 2.63 -30.35 -14.21
CA CYS B 201 2.34 -29.10 -13.54
C CYS B 201 0.95 -29.25 -12.92
N SER B 202 0.82 -28.96 -11.63
CA SER B 202 -0.44 -29.12 -10.91
C SER B 202 -0.89 -27.78 -10.37
N VAL B 203 -2.13 -27.42 -10.67
CA VAL B 203 -2.66 -26.12 -10.33
C VAL B 203 -3.88 -26.29 -9.44
N MET B 204 -3.89 -25.56 -8.33
CA MET B 204 -5.00 -25.54 -7.41
C MET B 204 -5.56 -24.13 -7.35
N HIS B 205 -6.88 -24.02 -7.60
CA HIS B 205 -7.60 -22.77 -7.70
C HIS B 205 -9.08 -23.05 -7.47
N GLU B 206 -9.77 -22.10 -6.83
CA GLU B 206 -11.16 -22.31 -6.45
C GLU B 206 -12.08 -22.53 -7.65
N ALA B 207 -11.76 -21.96 -8.81
CA ALA B 207 -12.68 -22.09 -9.95
C ALA B 207 -12.45 -23.38 -10.76
N LEU B 208 -11.58 -24.28 -10.30
CA LEU B 208 -11.37 -25.55 -10.96
C LEU B 208 -12.25 -26.61 -10.29
N HIS B 209 -12.82 -27.49 -11.10
CA HIS B 209 -13.56 -28.61 -10.55
C HIS B 209 -12.66 -29.43 -9.62
N ASN B 210 -13.13 -29.64 -8.38
CA ASN B 210 -12.34 -30.27 -7.32
C ASN B 210 -11.10 -29.46 -6.94
N HIS B 211 -11.07 -28.18 -7.34
CA HIS B 211 -9.99 -27.28 -6.97
C HIS B 211 -8.63 -27.72 -7.47
N TYR B 212 -8.55 -28.52 -8.54
CA TYR B 212 -7.30 -29.20 -8.87
C TYR B 212 -7.30 -29.58 -10.33
N THR B 213 -6.25 -29.22 -11.07
CA THR B 213 -5.99 -29.79 -12.39
C THR B 213 -4.51 -30.10 -12.50
N GLN B 214 -4.16 -30.92 -13.49
CA GLN B 214 -2.76 -31.29 -13.70
C GLN B 214 -2.54 -31.45 -15.20
N LYS B 215 -1.47 -30.87 -15.72
CA LYS B 215 -1.14 -31.08 -17.13
C LYS B 215 0.21 -31.73 -17.21
N SER B 216 0.37 -32.62 -18.20
CA SER B 216 1.58 -33.39 -18.33
C SER B 216 2.41 -32.90 -19.51
N LEU B 217 3.68 -33.25 -19.46
CA LEU B 217 4.72 -32.74 -20.35
C LEU B 217 5.82 -33.79 -20.37
N SER B 218 6.22 -34.18 -21.59
CA SER B 218 7.11 -35.30 -21.84
C SER B 218 7.79 -35.09 -23.18
N LEU B 219 9.03 -35.58 -23.30
CA LEU B 219 9.73 -35.62 -24.59
C LEU B 219 8.92 -36.41 -25.60
N SER B 220 8.53 -35.73 -26.68
CA SER B 220 7.60 -36.29 -27.65
N LEU C 5 -36.62 37.43 36.62
CA LEU C 5 -35.37 37.36 37.37
C LEU C 5 -34.29 36.78 36.45
N PRO C 6 -33.06 37.32 36.53
CA PRO C 6 -32.01 36.88 35.59
C PRO C 6 -31.69 35.39 35.65
N LYS C 7 -31.56 34.79 34.47
CA LYS C 7 -31.14 33.41 34.31
C LYS C 7 -29.61 33.38 34.25
N ALA C 8 -29.00 32.48 35.02
CA ALA C 8 -27.55 32.33 34.99
C ALA C 8 -27.08 31.82 33.63
N VAL C 9 -25.79 32.03 33.34
CA VAL C 9 -25.15 31.60 32.10
C VAL C 9 -24.14 30.50 32.39
N VAL C 10 -23.93 29.62 31.40
CA VAL C 10 -22.89 28.60 31.46
C VAL C 10 -21.87 28.90 30.35
N PHE C 11 -20.60 29.06 30.73
CA PHE C 11 -19.51 29.24 29.78
C PHE C 11 -18.50 28.11 29.95
N LEU C 12 -17.85 27.72 28.86
CA LEU C 12 -16.90 26.61 28.84
C LEU C 12 -15.49 27.12 28.57
N GLU C 13 -14.54 26.74 29.43
CA GLU C 13 -13.12 27.05 29.20
C GLU C 13 -12.33 25.73 29.11
N PRO C 14 -11.75 25.44 27.94
CA PRO C 14 -11.82 26.28 26.73
C PRO C 14 -13.18 26.22 26.03
N GLN C 15 -13.30 26.90 24.89
CA GLN C 15 -14.60 27.17 24.27
C GLN C 15 -15.21 25.97 23.52
N TRP C 16 -14.55 24.81 23.48
CA TRP C 16 -14.98 23.74 22.59
C TRP C 16 -16.12 22.95 23.22
N TYR C 17 -17.23 22.81 22.49
CA TYR C 17 -18.38 22.02 22.96
C TYR C 17 -18.25 20.56 22.56
N SER C 18 -17.27 20.24 21.74
CA SER C 18 -16.97 18.87 21.37
C SER C 18 -15.54 18.60 21.77
N VAL C 19 -15.33 17.60 22.61
CA VAL C 19 -13.99 17.25 23.07
C VAL C 19 -13.76 15.76 22.83
N LEU C 20 -12.53 15.35 23.07
CA LEU C 20 -12.10 13.96 23.04
C LEU C 20 -12.01 13.45 24.48
N GLU C 21 -12.10 12.12 24.64
CA GLU C 21 -11.86 11.54 25.95
C GLU C 21 -10.47 11.93 26.43
N LYS C 22 -10.37 12.19 27.73
CA LYS C 22 -9.16 12.64 28.44
C LYS C 22 -8.84 14.11 28.19
N ASP C 23 -9.72 14.87 27.55
CA ASP C 23 -9.58 16.33 27.58
C ASP C 23 -10.01 16.86 28.95
N SER C 24 -9.48 18.01 29.31
CA SER C 24 -9.96 18.73 30.47
C SER C 24 -11.02 19.73 30.02
N VAL C 25 -11.98 20.01 30.89
CA VAL C 25 -12.95 21.08 30.59
C VAL C 25 -13.42 21.72 31.90
N THR C 26 -13.44 23.04 31.95
CA THR C 26 -14.05 23.75 33.07
C THR C 26 -15.34 24.39 32.59
N LEU C 27 -16.43 24.15 33.31
CA LEU C 27 -17.71 24.81 33.07
C LEU C 27 -17.94 25.83 34.18
N LYS C 28 -17.82 27.12 33.87
CA LYS C 28 -18.07 28.22 34.79
C LYS C 28 -19.54 28.65 34.68
N CYS C 29 -20.13 29.06 35.82
CA CYS C 29 -21.44 29.70 35.83
C CYS C 29 -21.34 31.19 36.14
N GLN C 30 -22.24 31.96 35.56
CA GLN C 30 -22.29 33.42 35.62
C GLN C 30 -23.66 33.77 36.20
N GLY C 31 -23.68 34.04 37.50
CA GLY C 31 -24.89 34.40 38.20
C GLY C 31 -24.53 34.99 39.55
N ALA C 32 -25.52 35.61 40.18
CA ALA C 32 -25.33 36.36 41.44
C ALA C 32 -24.22 37.41 41.32
N SER C 39 -21.97 29.76 46.60
CA SER C 39 -22.38 28.39 46.31
C SER C 39 -23.30 28.31 45.08
N THR C 40 -23.13 27.30 44.23
CA THR C 40 -23.99 27.13 43.06
C THR C 40 -24.36 25.68 42.88
N GLN C 41 -25.45 25.44 42.14
CA GLN C 41 -25.96 24.10 41.92
C GLN C 41 -25.86 23.75 40.43
N TRP C 42 -25.34 22.54 40.15
CA TRP C 42 -25.05 22.06 38.79
C TRP C 42 -25.93 20.89 38.43
N PHE C 43 -26.36 20.86 37.17
CA PHE C 43 -27.27 19.83 36.65
C PHE C 43 -26.68 19.24 35.39
N HIS C 44 -26.31 17.96 35.46
CA HIS C 44 -25.89 17.18 34.32
C HIS C 44 -26.98 16.18 33.98
N ASN C 45 -27.55 16.28 32.78
CA ASN C 45 -28.64 15.40 32.36
C ASN C 45 -29.82 15.51 33.34
N GLU C 46 -30.08 16.75 33.81
CA GLU C 46 -31.21 17.07 34.67
C GLU C 46 -31.14 16.40 36.04
N SER C 47 -29.94 16.07 36.51
CA SER C 47 -29.75 15.52 37.84
C SER C 47 -28.69 16.35 38.56
N LEU C 48 -29.02 16.82 39.77
CA LEU C 48 -28.08 17.63 40.53
C LEU C 48 -26.84 16.79 40.84
N ILE C 49 -25.68 17.41 40.71
CA ILE C 49 -24.42 16.72 40.97
C ILE C 49 -23.70 17.37 42.14
N SER C 50 -23.00 16.56 42.94
CA SER C 50 -22.26 17.06 44.10
CA SER C 51 -19.85 19.66 43.51
C SER C 51 -20.73 20.89 43.40
N GLN C 52 -20.53 21.86 44.29
CA GLN C 52 -21.27 23.11 44.22
C GLN C 52 -20.39 24.35 44.27
N ALA C 53 -19.17 24.19 43.75
CA ALA C 53 -18.27 25.32 43.57
C ALA C 53 -18.68 26.13 42.34
N SER C 54 -18.21 27.38 42.30
CA SER C 54 -18.58 28.29 41.22
C SER C 54 -18.41 27.65 39.85
N SER C 55 -17.27 27.02 39.61
CA SER C 55 -17.02 26.31 38.35
C SER C 55 -16.88 24.81 38.61
N TYR C 56 -17.43 24.00 37.69
CA TYR C 56 -17.38 22.54 37.74
C TYR C 56 -16.31 22.04 36.75
N PHE C 57 -15.42 21.18 37.24
CA PHE C 57 -14.19 20.87 36.53
C PHE C 57 -14.14 19.39 36.18
N ILE C 58 -13.89 19.08 34.92
CA ILE C 58 -13.69 17.71 34.44
C ILE C 58 -12.21 17.54 34.09
N ASP C 59 -11.53 16.63 34.82
CA ASP C 59 -10.09 16.43 34.71
C ASP C 59 -9.75 15.70 33.40
N ALA C 60 -10.45 14.60 33.15
CA ALA C 60 -10.22 13.71 32.02
C ALA C 60 -11.60 13.25 31.54
N ALA C 61 -12.12 13.88 30.49
CA ALA C 61 -13.45 13.59 29.98
C ALA C 61 -13.58 12.14 29.55
N THR C 62 -14.72 11.53 29.88
CA THR C 62 -15.16 10.27 29.30
C THR C 62 -16.45 10.51 28.53
N VAL C 63 -16.92 9.47 27.82
CA VAL C 63 -18.14 9.63 27.03
C VAL C 63 -19.37 9.78 27.92
N GLN C 64 -19.35 9.20 29.13
CA GLN C 64 -20.44 9.42 30.07
C GLN C 64 -20.57 10.90 30.46
N ASP C 65 -19.46 11.64 30.45
CA ASP C 65 -19.54 13.08 30.74
C ASP C 65 -20.32 13.86 29.69
N SER C 66 -20.67 13.25 28.56
CA SER C 66 -21.44 13.95 27.54
C SER C 66 -22.82 14.32 28.06
N GLY C 67 -23.50 15.17 27.31
CA GLY C 67 -24.89 15.49 27.55
C GLY C 67 -25.11 16.94 27.89
N GLU C 68 -26.25 17.19 28.54
CA GLU C 68 -26.72 18.53 28.87
C GLU C 68 -26.26 18.93 30.26
N TYR C 69 -25.75 20.17 30.36
CA TYR C 69 -25.40 20.79 31.63
C TYR C 69 -26.20 22.09 31.83
N ARG C 70 -26.49 22.42 33.09
CA ARG C 70 -27.17 23.66 33.47
C ARG C 70 -26.61 24.16 34.80
N CYS C 71 -26.54 25.49 34.99
CA CYS C 71 -26.15 25.94 36.31
C CYS C 71 -27.27 26.79 36.91
N GLN C 72 -27.07 27.20 38.17
CA GLN C 72 -28.09 27.95 38.89
C GLN C 72 -27.50 28.42 40.20
N THR C 73 -27.84 29.65 40.57
CA THR C 73 -27.37 30.21 41.83
C THR C 73 -28.54 30.88 42.53
N GLN C 74 -28.34 31.16 43.82
CA GLN C 74 -29.42 31.65 44.68
C GLN C 74 -30.01 32.94 44.16
N LEU C 75 -29.22 33.77 43.50
CA LEU C 75 -29.73 35.01 42.93
C LEU C 75 -30.01 34.89 41.43
N SER C 76 -30.33 33.69 40.93
CA SER C 76 -30.61 33.53 39.51
C SER C 76 -31.50 32.32 39.25
N THR C 77 -32.01 32.24 38.03
CA THR C 77 -32.87 31.12 37.65
C THR C 77 -32.03 30.00 37.04
N LEU C 78 -32.70 28.91 36.68
CA LEU C 78 -31.99 27.76 36.12
C LEU C 78 -31.49 28.09 34.72
N SER C 79 -30.18 27.91 34.50
CA SER C 79 -29.57 28.32 33.24
C SER C 79 -30.15 27.56 32.05
N ASP C 80 -30.15 28.24 30.91
CA ASP C 80 -30.38 27.56 29.64
C ASP C 80 -29.31 26.48 29.44
N PRO C 81 -29.68 25.31 28.94
CA PRO C 81 -28.73 24.18 28.89
C PRO C 81 -27.67 24.34 27.82
N VAL C 82 -26.49 23.76 28.11
CA VAL C 82 -25.40 23.65 27.14
C VAL C 82 -25.15 22.17 26.86
N GLN C 83 -24.89 21.83 25.61
CA GLN C 83 -24.71 20.44 25.20
C GLN C 83 -23.22 20.19 24.98
N LEU C 84 -22.62 19.38 25.86
CA LEU C 84 -21.22 19.00 25.75
C LEU C 84 -21.12 17.60 25.14
N GLU C 85 -20.22 17.43 24.17
CA GLU C 85 -20.06 16.18 23.44
C GLU C 85 -18.66 15.63 23.62
N VAL C 86 -18.55 14.38 24.03
CA VAL C 86 -17.26 13.69 24.15
C VAL C 86 -17.18 12.59 23.11
N HIS C 87 -16.12 12.62 22.33
CA HIS C 87 -15.93 11.70 21.23
C HIS C 87 -14.74 10.81 21.51
N ILE C 88 -14.70 9.68 20.81
CA ILE C 88 -13.57 8.76 20.88
C ILE C 88 -12.84 8.80 19.55
N GLY C 89 -11.53 8.98 19.60
CA GLY C 89 -10.74 8.92 18.40
C GLY C 89 -9.36 9.50 18.61
N TRP C 90 -8.58 9.47 17.53
CA TRP C 90 -7.27 10.11 17.54
C TRP C 90 -7.35 11.62 17.29
N LEU C 91 -8.38 12.06 16.55
CA LEU C 91 -8.48 13.42 16.05
C LEU C 91 -9.92 13.90 16.16
N LEU C 92 -10.08 15.20 16.29
CA LEU C 92 -11.39 15.80 16.33
C LEU C 92 -11.29 17.20 15.74
N LEU C 93 -12.14 17.50 14.75
CA LEU C 93 -12.24 18.85 14.22
C LEU C 93 -13.15 19.66 15.14
N GLN C 94 -12.62 20.75 15.69
CA GLN C 94 -13.34 21.60 16.63
C GLN C 94 -13.56 22.96 16.02
N ALA C 95 -14.71 23.55 16.30
CA ALA C 95 -15.02 24.92 15.92
C ALA C 95 -15.86 25.53 17.02
N PRO C 96 -15.79 26.85 17.22
CA PRO C 96 -16.68 27.49 18.21
C PRO C 96 -18.15 27.32 17.86
N ARG C 97 -18.48 27.06 16.60
CA ARG C 97 -19.83 26.76 16.15
C ARG C 97 -19.72 26.26 14.72
N TRP C 98 -20.85 25.84 14.14
CA TRP C 98 -20.84 25.23 12.81
C TRP C 98 -21.65 25.98 11.76
N VAL C 99 -22.39 27.02 12.14
CA VAL C 99 -23.19 27.84 11.24
C VAL C 99 -22.58 29.24 11.24
N PHE C 100 -22.33 29.78 10.05
CA PHE C 100 -21.66 31.08 9.89
C PHE C 100 -22.39 31.95 8.88
N LYS C 101 -22.54 33.24 9.21
CA LYS C 101 -22.92 34.24 8.22
C LYS C 101 -21.73 34.53 7.29
N GLU C 102 -22.01 35.24 6.21
CA GLU C 102 -20.94 35.67 5.32
C GLU C 102 -20.10 36.75 5.97
N GLU C 103 -18.79 36.71 5.67
CA GLU C 103 -17.77 37.59 6.21
C GLU C 103 -17.36 37.22 7.64
N ASP C 104 -18.07 36.31 8.31
CA ASP C 104 -17.67 35.92 9.66
C ASP C 104 -16.36 35.13 9.62
N PRO C 105 -15.54 35.24 10.66
CA PRO C 105 -14.28 34.47 10.71
C PRO C 105 -14.53 33.01 11.07
N ILE C 106 -13.77 32.12 10.44
CA ILE C 106 -13.83 30.67 10.67
C ILE C 106 -12.56 30.24 11.39
N HIS C 107 -12.72 29.61 12.55
CA HIS C 107 -11.62 29.06 13.33
C HIS C 107 -11.81 27.55 13.49
N LEU C 108 -10.94 26.75 12.84
CA LEU C 108 -10.97 25.30 12.96
C LEU C 108 -9.72 24.82 13.68
N ARG C 109 -9.89 23.85 14.55
CA ARG C 109 -8.79 23.27 15.31
C ARG C 109 -8.79 21.77 15.05
N CYS C 110 -7.63 21.22 14.72
CA CYS C 110 -7.47 19.78 14.60
C CYS C 110 -6.86 19.34 15.92
N HIS C 111 -7.72 18.83 16.81
CA HIS C 111 -7.33 18.42 18.14
C HIS C 111 -6.95 16.94 18.11
N SER C 112 -5.78 16.63 18.65
CA SER C 112 -5.35 15.25 18.76
C SER C 112 -5.52 14.75 20.17
N TRP C 113 -5.84 13.46 20.28
CA TRP C 113 -5.96 12.77 21.56
C TRP C 113 -4.77 13.08 22.45
N LYS C 114 -5.05 13.46 23.70
CA LYS C 114 -4.05 13.80 24.70
C LYS C 114 -3.01 14.78 24.15
N ASN C 115 -3.40 15.54 23.12
CA ASN C 115 -2.51 16.53 22.50
C ASN C 115 -1.24 15.87 21.99
N THR C 116 -1.33 14.60 21.61
CA THR C 116 -0.25 13.91 20.91
C THR C 116 0.28 14.76 19.75
N ALA C 117 1.60 14.93 19.70
CA ALA C 117 2.26 15.61 18.60
C ALA C 117 1.75 15.08 17.26
N LEU C 118 1.31 16.02 16.41
CA LEU C 118 0.70 15.69 15.12
C LEU C 118 1.40 16.50 14.05
N HIS C 119 1.80 15.85 12.96
N HIS C 119 1.84 15.84 12.98
CA HIS C 119 2.56 16.49 11.91
CA HIS C 119 2.55 16.54 11.92
C HIS C 119 1.92 16.19 10.55
C HIS C 119 1.98 16.16 10.55
N LYS C 120 2.31 16.97 9.55
CA LYS C 120 1.80 16.83 8.18
C LYS C 120 0.27 16.85 8.16
N VAL C 121 -0.27 17.86 8.80
CA VAL C 121 -1.70 18.04 9.00
C VAL C 121 -2.32 18.66 7.75
N THR C 122 -3.51 18.17 7.38
CA THR C 122 -4.34 18.85 6.39
C THR C 122 -5.77 19.01 6.91
N TYR C 123 -6.38 20.13 6.54
CA TYR C 123 -7.81 20.34 6.69
C TYR C 123 -8.44 20.20 5.33
N LEU C 124 -9.47 19.34 5.26
CA LEU C 124 -10.12 18.94 4.03
C LEU C 124 -11.57 19.41 4.03
N GLN C 125 -11.98 20.03 2.91
CA GLN C 125 -13.34 20.44 2.64
C GLN C 125 -13.83 19.63 1.45
N ASN C 126 -14.97 18.95 1.63
CA ASN C 126 -15.60 18.14 0.58
C ASN C 126 -14.62 17.18 -0.10
N GLY C 127 -13.85 16.45 0.71
CA GLY C 127 -12.94 15.45 0.21
C GLY C 127 -11.62 15.96 -0.35
N LYS C 128 -11.48 17.26 -0.59
CA LYS C 128 -10.25 17.83 -1.15
C LYS C 128 -9.49 18.62 -0.09
N ASP C 129 -8.22 18.26 0.12
CA ASP C 129 -7.36 18.95 1.07
C ASP C 129 -7.30 20.44 0.76
N ARG C 130 -7.59 21.23 1.77
CA ARG C 130 -7.67 22.67 1.60
C ARG C 130 -6.48 23.40 2.20
N LYS C 131 -5.93 22.88 3.30
CA LYS C 131 -4.83 23.57 3.95
C LYS C 131 -3.88 22.54 4.54
N TYR C 132 -2.58 22.78 4.35
CA TYR C 132 -1.52 21.89 4.82
C TYR C 132 -0.57 22.64 5.73
N PHE C 133 -0.17 22.01 6.84
CA PHE C 133 0.88 22.51 7.74
C PHE C 133 1.83 21.37 8.07
N HIS C 134 3.14 21.70 8.18
CA HIS C 134 4.13 20.70 8.58
C HIS C 134 3.86 20.20 10.00
N HIS C 135 3.49 21.11 10.91
CA HIS C 135 3.18 20.80 12.30
C HIS C 135 1.80 21.33 12.62
N ASN C 136 1.05 20.57 13.43
CA ASN C 136 -0.35 20.88 13.68
C ASN C 136 -0.51 22.36 14.02
N SER C 137 -1.51 22.98 13.40
CA SER C 137 -1.84 24.38 13.63
C SER C 137 -3.32 24.57 13.30
N ASP C 138 -3.86 25.68 13.78
CA ASP C 138 -5.25 26.00 13.56
C ASP C 138 -5.46 26.56 12.15
N PHE C 139 -6.64 26.31 11.61
CA PHE C 139 -7.00 26.75 10.27
C PHE C 139 -7.94 27.95 10.40
N HIS C 140 -7.54 29.10 9.85
CA HIS C 140 -8.30 30.34 9.93
C HIS C 140 -8.73 30.79 8.54
N ILE C 141 -10.03 30.98 8.38
CA ILE C 141 -10.59 31.64 7.22
C ILE C 141 -11.09 33.01 7.69
N PRO C 142 -10.40 34.10 7.36
CA PRO C 142 -10.77 35.39 7.97
C PRO C 142 -12.18 35.83 7.65
N LYS C 143 -12.63 35.64 6.41
CA LYS C 143 -13.98 36.01 5.98
C LYS C 143 -14.65 34.85 5.26
N ALA C 144 -15.86 34.50 5.66
CA ALA C 144 -16.54 33.33 5.14
C ALA C 144 -17.27 33.66 3.84
N THR C 145 -17.10 32.80 2.86
CA THR C 145 -17.83 32.83 1.61
C THR C 145 -18.79 31.64 1.55
N LEU C 146 -19.78 31.73 0.66
CA LEU C 146 -20.62 30.58 0.36
C LEU C 146 -19.79 29.39 -0.08
N LYS C 147 -18.63 29.63 -0.70
CA LYS C 147 -17.80 28.51 -1.13
C LYS C 147 -17.28 27.68 0.04
N ASP C 148 -17.39 28.17 1.28
CA ASP C 148 -16.84 27.51 2.45
C ASP C 148 -17.77 26.47 3.07
N SER C 149 -19.03 26.41 2.65
CA SER C 149 -19.92 25.37 3.17
C SER C 149 -19.50 23.99 2.68
N GLY C 150 -19.81 23.00 3.48
CA GLY C 150 -19.54 21.63 3.09
C GLY C 150 -19.10 20.80 4.28
N SER C 151 -18.60 19.62 3.94
CA SER C 151 -18.16 18.62 4.90
C SER C 151 -16.66 18.78 5.12
N TYR C 152 -16.26 18.92 6.39
CA TYR C 152 -14.88 19.17 6.76
C TYR C 152 -14.36 18.09 7.70
N PHE C 153 -13.08 17.77 7.57
CA PHE C 153 -12.41 17.00 8.60
C PHE C 153 -10.92 17.28 8.48
N CYS C 154 -10.18 16.73 9.43
CA CYS C 154 -8.75 16.92 9.41
C CYS C 154 -8.05 15.59 9.51
N ARG C 155 -6.78 15.59 9.12
CA ARG C 155 -6.03 14.36 8.96
C ARG C 155 -4.55 14.67 9.18
N GLY C 156 -3.81 13.68 9.67
CA GLY C 156 -2.39 13.86 9.84
C GLY C 156 -1.67 12.59 10.26
N LEU C 157 -0.38 12.74 10.55
CA LEU C 157 0.48 11.66 11.01
C LEU C 157 0.77 11.77 12.50
N VAL C 158 0.44 10.72 13.26
CA VAL C 158 0.86 10.60 14.64
C VAL C 158 2.11 9.73 14.61
N GLY C 159 3.28 10.37 14.69
CA GLY C 159 4.53 9.67 14.45
C GLY C 159 4.52 9.17 13.03
N SER C 160 4.25 7.87 12.87
CA SER C 160 4.20 7.24 11.56
C SER C 160 2.80 6.76 11.19
N LYS C 161 1.81 6.95 12.06
CA LYS C 161 0.47 6.43 11.82
C LYS C 161 -0.44 7.49 11.21
N ASN C 162 -1.08 7.15 10.11
CA ASN C 162 -1.94 8.05 9.37
C ASN C 162 -3.33 8.00 9.99
N VAL C 163 -3.73 9.09 10.66
CA VAL C 163 -4.98 9.21 11.39
C VAL C 163 -5.83 10.32 10.78
N SER C 164 -7.13 10.26 11.10
CA SER C 164 -8.13 11.10 10.47
C SER C 164 -9.28 11.31 11.46
N SER C 165 -9.93 12.48 11.38
CA SER C 165 -11.09 12.78 12.19
C SER C 165 -12.37 12.57 11.40
N GLU C 166 -13.48 12.41 12.14
CA GLU C 166 -14.78 12.34 11.50
C GLU C 166 -15.14 13.68 10.89
N THR C 167 -16.06 13.65 9.94
CA THR C 167 -16.48 14.84 9.22
C THR C 167 -17.52 15.61 10.02
N VAL C 168 -17.42 16.94 9.96
CA VAL C 168 -18.39 17.85 10.55
C VAL C 168 -18.93 18.74 9.44
N GLN C 169 -20.20 19.08 9.53
CA GLN C 169 -20.89 19.86 8.50
C GLN C 169 -20.78 21.35 8.84
N ILE C 170 -20.40 22.16 7.86
CA ILE C 170 -20.28 23.61 8.04
C ILE C 170 -21.23 24.27 7.07
N THR C 171 -22.03 25.19 7.60
CA THR C 171 -23.08 25.88 6.86
C THR C 171 -22.80 27.37 6.88
N ILE C 172 -22.83 27.99 5.71
CA ILE C 172 -22.70 29.44 5.60
C ILE C 172 -24.00 29.95 5.01
N THR C 173 -24.74 30.70 5.80
CA THR C 173 -26.12 31.06 5.50
C THR C 173 -26.27 32.18 4.45
N GLN C 174 -27.47 32.31 3.90
CA GLN C 174 -27.79 33.40 2.97
#